data_2B2N
#
_entry.id   2B2N
#
_cell.length_a   112.650
_cell.length_b   112.650
_cell.length_c   213.860
_cell.angle_alpha   90.00
_cell.angle_beta   90.00
_cell.angle_gamma   120.00
#
_symmetry.space_group_name_H-M   'P 65 2 2'
#
loop_
_entity.id
_entity.type
_entity.pdbx_description
1 polymer 'Transcription-repair coupling factor'
2 non-polymer 'SODIUM ION'
3 non-polymer 'O-ACETALDEHYDYL-HEXAETHYLENE GLYCOL'
4 non-polymer 'SULFATE ION'
5 water water
#
_entity_poly.entity_id   1
_entity_poly.type   'polypeptide(L)'
_entity_poly.pdbx_seq_one_letter_code
;MPEQYRYTLPVKAGEQRLLGELTGAACATLVAEIAERHAGPVVLIAPDMQNALRLHDEISQFTDQMVMNLADWETLPYDS
FSPHQDIISSRLSTLYQLPTMQRGVLIVPVNTLMQRVCPHSFLHGHALVMKKGQRLSRDALRTQLDSAGYRHVDQVMEHG
EYATRGALLDLFPMGSELPYRLDFFDDEIDSLRVFDVDSQRTLEEVEAINLLPAHEFPTDKAAIELFRSQWRDTFEVKRD
PEHIYQQVSKGTLPAGIEYWQPLFFSEPLPPLFSYFPANTLLVNTGDLETSAERFQADTLARFENRGVDPMRPLLPPQSL
WLRVDELFSELKNAAALEHHHHHH
;
_entity_poly.pdbx_strand_id   A,B
#
# COMPACT_ATOMS: atom_id res chain seq x y z
N ALA A 26 12.17 -18.18 -14.72
CA ALA A 26 12.80 -18.53 -13.40
C ALA A 26 12.85 -17.30 -12.51
N CYS A 27 12.88 -16.14 -13.15
CA CYS A 27 12.94 -14.89 -12.43
C CYS A 27 11.62 -14.63 -11.69
N ALA A 28 10.52 -14.86 -12.40
CA ALA A 28 9.20 -14.58 -11.84
C ALA A 28 8.88 -15.20 -10.48
N THR A 29 8.90 -16.53 -10.41
CA THR A 29 8.57 -17.21 -9.16
C THR A 29 9.49 -16.80 -8.02
N LEU A 30 10.78 -16.65 -8.32
CA LEU A 30 11.76 -16.28 -7.31
C LEU A 30 11.53 -14.87 -6.75
N VAL A 31 11.20 -13.94 -7.64
CA VAL A 31 10.95 -12.58 -7.20
C VAL A 31 9.70 -12.60 -6.31
N ALA A 32 8.71 -13.42 -6.69
CA ALA A 32 7.49 -13.50 -5.88
C ALA A 32 7.83 -14.03 -4.49
N GLU A 33 8.74 -14.99 -4.40
CA GLU A 33 9.12 -15.56 -3.11
C GLU A 33 9.94 -14.57 -2.28
N ILE A 34 10.85 -13.87 -2.93
CA ILE A 34 11.68 -12.92 -2.23
C ILE A 34 10.80 -11.81 -1.64
N ALA A 35 9.87 -11.32 -2.46
CA ALA A 35 8.96 -10.26 -2.04
C ALA A 35 8.09 -10.74 -0.89
N GLU A 36 7.66 -12.00 -0.96
CA GLU A 36 6.81 -12.54 0.10
C GLU A 36 7.47 -12.53 1.47
N ARG A 37 8.77 -12.76 1.51
CA ARG A 37 9.49 -12.80 2.78
C ARG A 37 10.28 -11.54 3.11
N HIS A 38 10.19 -10.52 2.27
CA HIS A 38 10.93 -9.31 2.51
C HIS A 38 10.06 -8.23 3.14
N ALA A 39 10.57 -7.61 4.19
CA ALA A 39 9.83 -6.55 4.90
C ALA A 39 9.88 -5.21 4.14
N GLY A 40 9.80 -5.30 2.81
CA GLY A 40 9.85 -4.09 2.02
C GLY A 40 9.63 -4.43 0.55
N PRO A 41 9.51 -3.41 -0.30
CA PRO A 41 9.28 -3.64 -1.73
C PRO A 41 10.50 -4.28 -2.38
N VAL A 42 10.27 -5.05 -3.43
CA VAL A 42 11.37 -5.66 -4.17
C VAL A 42 11.29 -5.02 -5.56
N VAL A 43 12.37 -4.42 -6.02
CA VAL A 43 12.37 -3.79 -7.34
C VAL A 43 13.14 -4.67 -8.32
N LEU A 44 12.43 -5.20 -9.31
CA LEU A 44 13.06 -6.06 -10.29
C LEU A 44 13.48 -5.25 -11.51
N ILE A 45 14.79 -5.11 -11.69
CA ILE A 45 15.34 -4.37 -12.81
C ILE A 45 15.45 -5.31 -14.01
N ALA A 46 14.62 -5.06 -15.01
CA ALA A 46 14.57 -5.87 -16.21
C ALA A 46 15.52 -5.38 -17.29
N PRO A 47 15.98 -6.28 -18.17
CA PRO A 47 16.89 -5.96 -19.27
C PRO A 47 16.31 -5.04 -20.33
N ASP A 48 15.00 -5.13 -20.54
CA ASP A 48 14.33 -4.31 -21.55
C ASP A 48 12.84 -4.20 -21.23
N MET A 49 12.14 -3.38 -22.00
CA MET A 49 10.70 -3.16 -21.79
C MET A 49 9.85 -4.39 -22.05
N GLN A 50 10.17 -5.11 -23.13
CA GLN A 50 9.38 -6.29 -23.49
C GLN A 50 9.39 -7.28 -22.33
N ASN A 51 10.58 -7.57 -21.82
CA ASN A 51 10.70 -8.51 -20.71
C ASN A 51 9.93 -7.95 -19.51
N ALA A 52 10.10 -6.66 -19.24
CA ALA A 52 9.43 -6.02 -18.11
C ALA A 52 7.92 -6.23 -18.15
N LEU A 53 7.35 -5.94 -19.31
CA LEU A 53 5.93 -6.07 -19.53
C LEU A 53 5.50 -7.51 -19.32
N ARG A 54 6.31 -8.44 -19.85
CA ARG A 54 6.05 -9.87 -19.73
C ARG A 54 6.05 -10.31 -18.26
N LEU A 55 7.07 -9.88 -17.54
CA LEU A 55 7.23 -10.22 -16.13
C LEU A 55 6.09 -9.73 -15.23
N HIS A 56 5.32 -8.73 -15.70
CA HIS A 56 4.23 -8.20 -14.88
C HIS A 56 3.15 -9.26 -14.60
N ASP A 57 2.55 -9.79 -15.67
CA ASP A 57 1.51 -10.79 -15.47
C ASP A 57 2.05 -12.10 -14.88
N GLU A 58 3.29 -12.47 -15.23
CA GLU A 58 3.86 -13.70 -14.70
C GLU A 58 3.96 -13.64 -13.20
N ILE A 59 4.59 -12.58 -12.69
CA ILE A 59 4.76 -12.45 -11.24
C ILE A 59 3.43 -12.23 -10.55
N SER A 60 2.53 -11.45 -11.17
CA SER A 60 1.23 -11.17 -10.57
C SER A 60 0.41 -12.42 -10.23
N GLN A 61 0.47 -13.40 -11.10
CA GLN A 61 -0.31 -14.62 -10.92
C GLN A 61 0.25 -15.53 -9.81
N PHE A 62 1.47 -15.27 -9.38
CA PHE A 62 2.13 -16.06 -8.35
C PHE A 62 2.10 -15.42 -6.95
N THR A 63 1.43 -14.28 -6.81
CA THR A 63 1.43 -13.62 -5.51
C THR A 63 0.14 -12.90 -5.18
N ASP A 64 -0.04 -12.59 -3.89
CA ASP A 64 -1.20 -11.84 -3.40
C ASP A 64 -0.76 -10.42 -3.01
N GLN A 65 0.48 -10.09 -3.35
CA GLN A 65 1.01 -8.76 -3.07
C GLN A 65 0.86 -7.89 -4.32
N MET A 66 0.94 -6.58 -4.14
CA MET A 66 0.83 -5.63 -5.23
C MET A 66 2.01 -5.80 -6.20
N VAL A 67 1.73 -5.73 -7.51
CA VAL A 67 2.78 -5.82 -8.51
C VAL A 67 2.57 -4.66 -9.50
N MET A 68 3.57 -3.78 -9.64
CA MET A 68 3.46 -2.66 -10.58
C MET A 68 4.68 -2.60 -11.48
N ASN A 69 4.50 -1.94 -12.61
CA ASN A 69 5.58 -1.71 -13.55
C ASN A 69 5.71 -0.19 -13.66
N LEU A 70 6.91 0.31 -13.91
CA LEU A 70 7.05 1.73 -14.22
C LEU A 70 7.28 1.59 -15.72
N ALA A 71 6.30 2.01 -16.50
CA ALA A 71 6.40 1.89 -17.96
C ALA A 71 7.36 2.91 -18.56
N ASP A 72 8.06 2.51 -19.60
CA ASP A 72 8.98 3.40 -20.31
C ASP A 72 8.12 4.33 -21.17
N TRP A 73 8.64 5.53 -21.44
CA TRP A 73 7.92 6.50 -22.28
C TRP A 73 7.80 5.93 -23.71
N GLU A 74 8.72 5.05 -24.08
CA GLU A 74 8.76 4.38 -25.40
C GLU A 74 9.26 5.27 -26.55
N THR A 75 9.56 6.52 -26.23
CA THR A 75 10.10 7.47 -27.17
C THR A 75 11.63 7.35 -27.16
N LEU A 76 12.28 7.81 -28.22
CA LEU A 76 13.74 7.79 -28.27
C LEU A 76 14.23 8.98 -27.43
N PRO A 77 15.49 8.97 -26.99
CA PRO A 77 15.97 10.12 -26.20
C PRO A 77 15.83 11.39 -27.06
N TYR A 78 15.35 12.50 -26.47
CA TYR A 78 15.18 13.76 -27.20
C TYR A 78 14.32 13.60 -28.45
N ASP A 79 13.32 12.72 -28.36
CA ASP A 79 12.44 12.42 -29.48
C ASP A 79 11.61 13.61 -29.92
N SER A 80 11.08 13.52 -31.14
CA SER A 80 10.21 14.57 -31.66
C SER A 80 8.74 14.12 -31.48
N PHE A 81 8.51 13.22 -30.53
CA PHE A 81 7.16 12.71 -30.20
C PHE A 81 7.03 12.74 -28.69
N SER A 82 5.81 12.95 -28.22
CA SER A 82 5.56 12.91 -26.79
C SER A 82 4.96 11.52 -26.51
N PRO A 83 5.24 10.96 -25.33
CA PRO A 83 4.66 9.63 -25.10
C PRO A 83 3.12 9.62 -25.02
N HIS A 84 2.55 8.47 -25.36
CA HIS A 84 1.09 8.31 -25.31
C HIS A 84 0.58 8.60 -23.90
N GLN A 85 -0.57 9.27 -23.82
CA GLN A 85 -1.17 9.62 -22.54
C GLN A 85 -1.51 8.40 -21.68
N ASP A 86 -1.79 7.26 -22.32
CA ASP A 86 -2.06 6.05 -21.55
C ASP A 86 -0.81 5.56 -20.81
N ILE A 87 0.36 5.78 -21.40
CA ILE A 87 1.63 5.42 -20.75
C ILE A 87 1.84 6.39 -19.58
N ILE A 88 1.55 7.66 -19.80
CA ILE A 88 1.73 8.65 -18.74
C ILE A 88 0.79 8.33 -17.56
N SER A 89 -0.45 7.95 -17.87
CA SER A 89 -1.43 7.60 -16.84
C SER A 89 -0.89 6.47 -15.96
N SER A 90 -0.34 5.45 -16.61
CA SER A 90 0.22 4.31 -15.89
C SER A 90 1.42 4.71 -15.01
N ARG A 91 2.31 5.55 -15.54
CA ARG A 91 3.47 6.01 -14.77
C ARG A 91 3.04 6.85 -13.56
N LEU A 92 2.07 7.73 -13.74
CA LEU A 92 1.60 8.58 -12.66
C LEU A 92 1.03 7.72 -11.55
N SER A 93 0.28 6.70 -11.93
CA SER A 93 -0.29 5.78 -10.95
C SER A 93 0.83 5.08 -10.15
N THR A 94 1.87 4.62 -10.84
CA THR A 94 2.98 3.95 -10.17
C THR A 94 3.73 4.89 -9.25
N LEU A 95 4.11 6.06 -9.77
CA LEU A 95 4.86 7.05 -8.98
C LEU A 95 4.08 7.50 -7.75
N TYR A 96 2.77 7.66 -7.93
CA TYR A 96 1.92 8.08 -6.83
C TYR A 96 1.89 7.00 -5.73
N GLN A 97 1.82 5.74 -6.13
CA GLN A 97 1.75 4.63 -5.17
C GLN A 97 3.10 4.20 -4.57
N LEU A 98 4.17 4.39 -5.33
CA LEU A 98 5.50 3.94 -4.88
C LEU A 98 5.95 4.22 -3.45
N PRO A 99 5.92 5.48 -3.00
CA PRO A 99 6.35 5.85 -1.64
C PRO A 99 5.68 5.10 -0.50
N THR A 100 4.47 4.59 -0.72
CA THR A 100 3.77 3.85 0.33
C THR A 100 3.57 2.37 -0.01
N MET A 101 4.31 1.87 -0.99
CA MET A 101 4.22 0.47 -1.37
C MET A 101 5.12 -0.35 -0.46
N GLN A 102 4.68 -0.55 0.77
CA GLN A 102 5.44 -1.29 1.76
C GLN A 102 5.77 -2.73 1.42
N ARG A 103 4.92 -3.36 0.62
CA ARG A 103 5.11 -4.75 0.24
CA ARG A 103 5.13 -4.74 0.23
C ARG A 103 4.76 -4.95 -1.23
N GLY A 104 5.49 -5.81 -1.91
CA GLY A 104 5.18 -6.05 -3.30
C GLY A 104 6.36 -5.92 -4.23
N VAL A 105 6.07 -5.83 -5.51
CA VAL A 105 7.11 -5.73 -6.53
CA VAL A 105 7.09 -5.77 -6.55
C VAL A 105 6.90 -4.62 -7.53
N LEU A 106 8.01 -3.98 -7.90
CA LEU A 106 8.02 -2.92 -8.89
C LEU A 106 8.97 -3.46 -9.94
N ILE A 107 8.49 -3.55 -11.18
CA ILE A 107 9.31 -4.02 -12.29
C ILE A 107 9.65 -2.77 -13.12
N VAL A 108 10.92 -2.59 -13.44
CA VAL A 108 11.37 -1.43 -14.21
CA VAL A 108 11.35 -1.43 -14.22
C VAL A 108 12.50 -1.78 -15.16
N PRO A 109 12.39 -1.36 -16.43
CA PRO A 109 13.47 -1.66 -17.39
C PRO A 109 14.67 -0.83 -16.97
N VAL A 110 15.88 -1.34 -17.21
CA VAL A 110 17.10 -0.64 -16.83
C VAL A 110 17.22 0.78 -17.45
N ASN A 111 16.89 0.94 -18.71
CA ASN A 111 17.00 2.28 -19.31
C ASN A 111 15.98 3.22 -18.68
N THR A 112 14.85 2.67 -18.25
CA THR A 112 13.82 3.46 -17.60
C THR A 112 14.26 3.85 -16.19
N LEU A 113 14.90 2.92 -15.49
CA LEU A 113 15.39 3.19 -14.14
C LEU A 113 16.45 4.31 -14.17
N MET A 114 17.19 4.41 -15.28
CA MET A 114 18.22 5.44 -15.38
CA MET A 114 18.22 5.43 -15.42
C MET A 114 17.63 6.83 -15.57
N GLN A 115 16.36 6.90 -15.98
CA GLN A 115 15.70 8.19 -16.18
C GLN A 115 15.30 8.90 -14.89
N ARG A 116 15.67 10.17 -14.78
CA ARG A 116 15.29 10.96 -13.61
C ARG A 116 13.79 11.18 -13.70
N VAL A 117 13.16 11.56 -12.57
CA VAL A 117 11.72 11.75 -12.56
C VAL A 117 11.31 13.02 -11.85
N CYS A 118 10.03 13.36 -11.96
CA CYS A 118 9.52 14.52 -11.27
C CYS A 118 9.66 14.15 -9.80
N PRO A 119 9.91 15.12 -8.92
CA PRO A 119 10.03 14.81 -7.48
C PRO A 119 8.66 14.39 -6.93
N HIS A 120 8.61 13.52 -5.91
CA HIS A 120 7.31 13.10 -5.40
CA HIS A 120 7.32 13.09 -5.38
C HIS A 120 6.50 14.25 -4.79
N SER A 121 7.16 15.36 -4.49
CA SER A 121 6.44 16.50 -3.96
C SER A 121 5.47 17.03 -5.03
N PHE A 122 5.81 16.79 -6.30
CA PHE A 122 4.96 17.25 -7.39
C PHE A 122 3.58 16.60 -7.35
N LEU A 123 3.53 15.29 -7.31
CA LEU A 123 2.25 14.60 -7.32
C LEU A 123 1.33 14.90 -6.14
N HIS A 124 1.81 14.69 -4.93
CA HIS A 124 0.96 14.96 -3.79
C HIS A 124 0.74 16.45 -3.60
N GLY A 125 1.53 17.27 -4.28
CA GLY A 125 1.35 18.70 -4.18
C GLY A 125 0.45 19.30 -5.26
N HIS A 126 0.45 18.72 -6.45
CA HIS A 126 -0.38 19.22 -7.54
C HIS A 126 -1.65 18.41 -7.79
N ALA A 127 -1.90 17.40 -6.96
CA ALA A 127 -3.11 16.60 -7.14
C ALA A 127 -4.29 17.38 -6.56
N LEU A 128 -5.46 17.23 -7.17
CA LEU A 128 -6.66 17.94 -6.71
C LEU A 128 -7.75 16.93 -6.32
N VAL A 129 -8.42 17.17 -5.21
CA VAL A 129 -9.49 16.26 -4.79
C VAL A 129 -10.87 16.85 -5.01
N MET A 130 -11.72 16.09 -5.67
CA MET A 130 -13.09 16.51 -5.94
CA MET A 130 -13.09 16.51 -5.95
C MET A 130 -14.00 15.63 -5.11
N LYS A 131 -14.86 16.26 -4.31
CA LYS A 131 -15.76 15.51 -3.47
C LYS A 131 -17.24 15.85 -3.65
N LYS A 132 -18.07 14.87 -3.37
CA LYS A 132 -19.52 15.04 -3.46
C LYS A 132 -19.91 16.19 -2.54
N GLY A 133 -20.72 17.12 -3.06
CA GLY A 133 -21.16 18.24 -2.24
C GLY A 133 -20.23 19.44 -2.22
N GLN A 134 -19.09 19.33 -2.89
CA GLN A 134 -18.14 20.44 -2.92
C GLN A 134 -18.72 21.64 -3.68
N ARG A 135 -18.57 22.83 -3.11
CA ARG A 135 -19.03 24.06 -3.74
C ARG A 135 -18.01 24.43 -4.81
N LEU A 136 -18.38 24.18 -6.06
CA LEU A 136 -17.50 24.48 -7.20
C LEU A 136 -18.37 24.39 -8.43
N SER A 137 -18.32 25.39 -9.31
CA SER A 137 -19.15 25.33 -10.51
C SER A 137 -18.45 24.46 -11.56
N ARG A 138 -19.19 24.09 -12.59
CA ARG A 138 -18.65 23.28 -13.67
C ARG A 138 -17.53 24.04 -14.40
N ASP A 139 -17.75 25.32 -14.65
CA ASP A 139 -16.75 26.12 -15.35
C ASP A 139 -15.50 26.28 -14.50
N ALA A 140 -15.66 26.39 -13.19
CA ALA A 140 -14.51 26.53 -12.30
C ALA A 140 -13.66 25.25 -12.37
N LEU A 141 -14.32 24.09 -12.47
CA LEU A 141 -13.60 22.81 -12.59
C LEU A 141 -12.87 22.75 -13.93
N ARG A 142 -13.53 23.21 -14.99
CA ARG A 142 -12.91 23.22 -16.31
CA ARG A 142 -12.90 23.21 -16.31
C ARG A 142 -11.59 24.00 -16.24
N THR A 143 -11.62 25.14 -15.56
CA THR A 143 -10.45 25.98 -15.43
C THR A 143 -9.31 25.21 -14.75
N GLN A 144 -9.63 24.49 -13.68
CA GLN A 144 -8.62 23.71 -12.98
C GLN A 144 -8.08 22.58 -13.87
N LEU A 145 -8.98 21.90 -14.59
CA LEU A 145 -8.59 20.82 -15.49
C LEU A 145 -7.68 21.31 -16.62
N ASP A 146 -7.99 22.47 -17.21
CA ASP A 146 -7.14 22.98 -18.28
C ASP A 146 -5.73 23.23 -17.75
N SER A 147 -5.63 23.86 -16.59
CA SER A 147 -4.34 24.18 -16.00
C SER A 147 -3.57 22.94 -15.53
N ALA A 148 -4.29 21.84 -15.35
CA ALA A 148 -3.67 20.59 -14.90
C ALA A 148 -3.22 19.79 -16.12
N GLY A 149 -3.49 20.32 -17.32
CA GLY A 149 -3.08 19.66 -18.55
C GLY A 149 -4.12 18.82 -19.26
N TYR A 150 -5.34 18.74 -18.71
CA TYR A 150 -6.37 17.94 -19.37
C TYR A 150 -6.87 18.62 -20.64
N ARG A 151 -7.30 17.82 -21.60
CA ARG A 151 -7.77 18.34 -22.88
C ARG A 151 -9.27 18.32 -23.05
N HIS A 152 -9.82 19.46 -23.47
CA HIS A 152 -11.25 19.56 -23.70
C HIS A 152 -11.61 18.89 -25.01
N VAL A 153 -12.47 17.87 -24.96
CA VAL A 153 -12.88 17.18 -26.18
C VAL A 153 -14.40 17.09 -26.23
N ASP A 154 -14.96 16.68 -27.38
CA ASP A 154 -16.41 16.57 -27.52
C ASP A 154 -16.95 15.39 -26.75
N GLN A 155 -16.16 14.32 -26.69
CA GLN A 155 -16.55 13.10 -25.99
C GLN A 155 -15.34 12.45 -25.35
N VAL A 156 -15.42 12.19 -24.05
CA VAL A 156 -14.29 11.58 -23.34
C VAL A 156 -14.09 10.15 -23.76
N MET A 157 -12.85 9.79 -24.08
CA MET A 157 -12.55 8.44 -24.46
C MET A 157 -11.19 7.94 -24.01
N GLU A 158 -10.27 8.86 -23.75
CA GLU A 158 -8.91 8.51 -23.34
C GLU A 158 -8.43 9.27 -22.10
N HIS A 159 -7.43 8.73 -21.41
CA HIS A 159 -6.88 9.40 -20.24
C HIS A 159 -6.48 10.83 -20.54
N GLY A 160 -6.79 11.76 -19.63
CA GLY A 160 -6.37 13.13 -19.83
C GLY A 160 -7.34 14.01 -20.58
N GLU A 161 -8.54 13.50 -20.85
CA GLU A 161 -9.56 14.26 -21.57
C GLU A 161 -10.73 14.59 -20.65
N TYR A 162 -11.45 15.64 -20.99
CA TYR A 162 -12.67 16.04 -20.28
C TYR A 162 -13.61 16.62 -21.34
N ALA A 163 -14.90 16.45 -21.11
CA ALA A 163 -15.93 16.98 -22.00
C ALA A 163 -17.01 17.57 -21.09
N THR A 164 -17.60 18.69 -21.51
CA THR A 164 -18.63 19.35 -20.74
C THR A 164 -19.87 19.57 -21.59
N ARG A 165 -21.04 19.46 -20.98
CA ARG A 165 -22.30 19.68 -21.67
C ARG A 165 -23.42 19.80 -20.63
N GLY A 166 -24.02 20.97 -20.57
CA GLY A 166 -25.09 21.20 -19.62
C GLY A 166 -24.55 21.17 -18.20
N ALA A 167 -25.17 20.36 -17.36
CA ALA A 167 -24.71 20.27 -15.97
C ALA A 167 -23.66 19.19 -15.85
N LEU A 168 -23.40 18.48 -16.94
CA LEU A 168 -22.45 17.38 -16.93
C LEU A 168 -21.03 17.69 -17.39
N LEU A 169 -20.08 17.07 -16.70
CA LEU A 169 -18.66 17.17 -17.04
C LEU A 169 -18.08 15.76 -16.90
N ASP A 170 -17.60 15.20 -18.01
CA ASP A 170 -16.97 13.88 -18.00
C ASP A 170 -15.46 14.08 -18.06
N LEU A 171 -14.72 13.21 -17.39
CA LEU A 171 -13.27 13.31 -17.38
C LEU A 171 -12.66 11.94 -17.17
N PHE A 172 -11.48 11.74 -17.73
CA PHE A 172 -10.76 10.47 -17.59
C PHE A 172 -9.51 10.81 -16.78
N PRO A 173 -9.58 10.67 -15.45
CA PRO A 173 -8.43 10.98 -14.59
C PRO A 173 -7.20 10.15 -14.91
N MET A 174 -6.04 10.77 -14.83
CA MET A 174 -4.81 10.03 -15.04
C MET A 174 -4.75 9.03 -13.89
N GLY A 175 -4.30 7.80 -14.17
CA GLY A 175 -4.20 6.81 -13.11
C GLY A 175 -5.48 6.03 -12.83
N SER A 176 -6.58 6.44 -13.44
CA SER A 176 -7.86 5.78 -13.23
C SER A 176 -8.14 4.74 -14.32
N GLU A 177 -8.78 3.63 -13.95
CA GLU A 177 -9.12 2.61 -14.93
C GLU A 177 -10.29 3.11 -15.80
N LEU A 178 -11.21 3.85 -15.20
CA LEU A 178 -12.38 4.36 -15.92
C LEU A 178 -12.59 5.86 -15.77
N PRO A 179 -13.35 6.47 -16.69
CA PRO A 179 -13.58 7.91 -16.57
C PRO A 179 -14.80 8.10 -15.65
N TYR A 180 -15.04 9.34 -15.24
CA TYR A 180 -16.14 9.69 -14.37
C TYR A 180 -17.03 10.75 -14.99
N ARG A 181 -18.27 10.76 -14.52
CA ARG A 181 -19.28 11.73 -14.95
C ARG A 181 -19.72 12.52 -13.73
N LEU A 182 -19.51 13.83 -13.76
CA LEU A 182 -19.90 14.69 -12.66
C LEU A 182 -21.15 15.47 -13.02
N ASP A 183 -22.05 15.56 -12.05
CA ASP A 183 -23.27 16.33 -12.27
C ASP A 183 -23.20 17.54 -11.34
N PHE A 184 -23.31 18.72 -11.93
CA PHE A 184 -23.29 19.96 -11.16
C PHE A 184 -24.70 20.48 -11.04
N PHE A 185 -25.18 20.65 -9.81
CA PHE A 185 -26.52 21.16 -9.60
C PHE A 185 -26.39 22.24 -8.55
N ASP A 186 -26.88 23.44 -8.84
CA ASP A 186 -26.77 24.53 -7.88
C ASP A 186 -25.29 24.86 -7.66
N ASP A 187 -24.52 24.81 -8.73
CA ASP A 187 -23.08 25.08 -8.65
C ASP A 187 -22.44 24.32 -7.51
N GLU A 188 -22.70 23.02 -7.50
CA GLU A 188 -22.15 22.14 -6.48
C GLU A 188 -21.98 20.81 -7.18
N ILE A 189 -20.99 20.02 -6.78
CA ILE A 189 -20.85 18.71 -7.41
C ILE A 189 -21.88 17.86 -6.68
N ASP A 190 -22.99 17.58 -7.36
CA ASP A 190 -24.05 16.81 -6.76
C ASP A 190 -23.67 15.33 -6.62
N SER A 191 -23.07 14.79 -7.66
CA SER A 191 -22.64 13.40 -7.65
C SER A 191 -21.48 13.20 -8.61
N LEU A 192 -20.69 12.16 -8.33
CA LEU A 192 -19.56 11.76 -9.17
C LEU A 192 -19.79 10.28 -9.39
N ARG A 193 -19.89 9.86 -10.64
CA ARG A 193 -20.14 8.46 -10.94
C ARG A 193 -19.18 7.88 -11.97
N VAL A 194 -18.68 6.68 -11.68
CA VAL A 194 -17.80 5.99 -12.60
C VAL A 194 -18.66 5.87 -13.85
N PHE A 195 -18.08 5.95 -15.03
CA PHE A 195 -18.93 5.83 -16.19
C PHE A 195 -18.29 5.01 -17.29
N ASP A 196 -19.14 4.22 -17.93
CA ASP A 196 -18.73 3.33 -19.00
C ASP A 196 -18.94 4.01 -20.34
N VAL A 197 -17.85 4.32 -21.01
CA VAL A 197 -17.89 5.00 -22.30
C VAL A 197 -18.76 4.31 -23.36
N ASP A 198 -18.47 3.04 -23.62
CA ASP A 198 -19.22 2.28 -24.62
C ASP A 198 -20.73 2.37 -24.49
N SER A 199 -21.25 2.17 -23.29
CA SER A 199 -22.69 2.23 -23.08
C SER A 199 -23.21 3.62 -22.71
N GLN A 200 -22.30 4.56 -22.46
CA GLN A 200 -22.71 5.91 -22.06
C GLN A 200 -23.56 5.85 -20.79
N ARG A 201 -23.16 5.02 -19.83
CA ARG A 201 -23.90 4.88 -18.57
C ARG A 201 -22.98 4.84 -17.36
N THR A 202 -23.45 5.40 -16.27
CA THR A 202 -22.68 5.42 -15.05
C THR A 202 -22.84 4.11 -14.29
N LEU A 203 -21.83 3.81 -13.48
CA LEU A 203 -21.83 2.62 -12.66
C LEU A 203 -21.88 3.17 -11.23
N GLU A 204 -21.10 2.61 -10.32
CA GLU A 204 -21.15 3.09 -8.95
C GLU A 204 -20.94 4.59 -8.77
N GLU A 205 -21.40 5.10 -7.64
CA GLU A 205 -21.22 6.50 -7.30
C GLU A 205 -20.06 6.53 -6.33
N VAL A 206 -19.26 7.58 -6.39
CA VAL A 206 -18.13 7.69 -5.49
C VAL A 206 -18.26 8.98 -4.69
N GLU A 207 -17.63 9.00 -3.53
CA GLU A 207 -17.68 10.17 -2.66
C GLU A 207 -16.69 11.24 -3.09
N ALA A 208 -15.62 10.81 -3.76
CA ALA A 208 -14.61 11.74 -4.22
C ALA A 208 -13.67 11.06 -5.22
N ILE A 209 -12.94 11.86 -5.98
CA ILE A 209 -11.98 11.31 -6.92
C ILE A 209 -10.70 12.13 -6.77
N ASN A 210 -9.58 11.48 -7.02
CA ASN A 210 -8.28 12.13 -6.91
C ASN A 210 -7.83 12.48 -8.33
N LEU A 211 -7.60 13.76 -8.57
CA LEU A 211 -7.19 14.21 -9.89
C LEU A 211 -5.70 14.54 -9.95
N LEU A 212 -4.93 13.67 -10.59
CA LEU A 212 -3.51 13.93 -10.75
C LEU A 212 -3.33 14.80 -12.01
N PRO A 213 -2.14 15.39 -12.19
CA PRO A 213 -1.82 16.23 -13.35
C PRO A 213 -1.81 15.32 -14.60
N ALA A 214 -1.96 15.92 -15.77
CA ALA A 214 -1.97 15.14 -17.01
C ALA A 214 -0.57 14.88 -17.57
N HIS A 215 0.47 15.36 -16.87
CA HIS A 215 1.86 15.17 -17.30
C HIS A 215 2.69 15.04 -16.05
N GLU A 216 3.95 14.62 -16.23
CA GLU A 216 4.87 14.48 -15.11
C GLU A 216 5.56 15.82 -14.88
N PHE A 217 4.84 16.88 -15.23
CA PHE A 217 5.34 18.24 -15.01
C PHE A 217 4.16 19.19 -15.05
N PRO A 218 4.22 20.29 -14.27
CA PRO A 218 3.12 21.27 -14.25
C PRO A 218 3.11 22.08 -15.53
N THR A 219 1.91 22.51 -15.93
CA THR A 219 1.77 23.25 -17.16
C THR A 219 0.87 24.46 -17.00
N ASP A 220 0.62 24.84 -15.74
CA ASP A 220 -0.22 25.98 -15.43
C ASP A 220 0.60 27.27 -15.75
N LYS A 221 0.01 28.44 -15.58
CA LYS A 221 0.72 29.68 -15.92
C LYS A 221 1.98 29.89 -15.11
N ALA A 222 1.95 29.56 -13.82
CA ALA A 222 3.12 29.69 -12.98
C ALA A 222 4.23 28.77 -13.50
N ALA A 223 3.86 27.59 -13.99
CA ALA A 223 4.86 26.66 -14.53
C ALA A 223 5.43 27.18 -15.86
N ILE A 224 4.58 27.82 -16.66
CA ILE A 224 5.06 28.36 -17.92
C ILE A 224 6.01 29.55 -17.66
N GLU A 225 5.72 30.34 -16.63
CA GLU A 225 6.61 31.46 -16.30
C GLU A 225 7.94 30.89 -15.81
N LEU A 226 7.88 29.81 -15.03
CA LEU A 226 9.12 29.18 -14.53
C LEU A 226 9.89 28.62 -15.72
N PHE A 227 9.19 27.91 -16.59
CA PHE A 227 9.84 27.34 -17.77
C PHE A 227 10.55 28.42 -18.60
N ARG A 228 9.87 29.53 -18.87
CA ARG A 228 10.45 30.63 -19.65
C ARG A 228 11.72 31.16 -18.99
N SER A 229 11.63 31.38 -17.69
CA SER A 229 12.76 31.90 -16.93
C SER A 229 13.96 30.96 -16.96
N GLN A 230 13.74 29.67 -16.73
CA GLN A 230 14.87 28.76 -16.72
C GLN A 230 15.38 28.50 -18.13
N TRP A 231 14.48 28.57 -19.11
CA TRP A 231 14.91 28.40 -20.49
C TRP A 231 15.88 29.55 -20.83
N ARG A 232 15.49 30.78 -20.51
CA ARG A 232 16.35 31.92 -20.81
C ARG A 232 17.72 31.83 -20.15
N ASP A 233 17.80 31.20 -18.97
CA ASP A 233 19.07 31.04 -18.28
C ASP A 233 19.91 29.92 -18.88
N THR A 234 19.31 29.19 -19.81
CA THR A 234 19.93 28.02 -20.43
C THR A 234 20.17 28.08 -21.94
N PHE A 235 19.19 28.57 -22.67
CA PHE A 235 19.26 28.57 -24.11
C PHE A 235 18.92 29.90 -24.73
N GLU A 236 19.25 30.03 -26.01
CA GLU A 236 18.92 31.22 -26.76
C GLU A 236 17.45 31.11 -27.11
N VAL A 237 16.84 32.26 -27.37
CA VAL A 237 15.45 32.33 -27.77
C VAL A 237 15.42 32.86 -29.20
N LYS A 238 14.50 32.36 -30.01
CA LYS A 238 14.31 32.83 -31.38
C LYS A 238 12.81 33.13 -31.38
N ARG A 239 12.34 33.98 -32.28
CA ARG A 239 10.90 34.31 -32.30
C ARG A 239 10.12 33.44 -33.28
N ASP A 240 10.83 32.61 -34.04
CA ASP A 240 10.14 31.74 -34.97
C ASP A 240 9.09 30.97 -34.15
N PRO A 241 7.83 30.99 -34.60
CA PRO A 241 6.78 30.26 -33.85
C PRO A 241 7.09 28.80 -33.61
N GLU A 242 8.04 28.27 -34.38
CA GLU A 242 8.45 26.87 -34.27
C GLU A 242 9.42 26.61 -33.11
N HIS A 243 9.99 27.67 -32.55
CA HIS A 243 10.95 27.54 -31.46
C HIS A 243 10.23 27.04 -30.18
N ILE A 244 10.84 26.09 -29.48
CA ILE A 244 10.25 25.54 -28.26
C ILE A 244 9.76 26.60 -27.25
N TYR A 245 10.62 27.57 -26.96
CA TYR A 245 10.28 28.62 -26.02
C TYR A 245 9.02 29.36 -26.44
N GLN A 246 8.91 29.70 -27.74
CA GLN A 246 7.74 30.40 -28.25
C GLN A 246 6.48 29.55 -28.13
N GLN A 247 6.58 28.25 -28.42
CA GLN A 247 5.42 27.36 -28.33
C GLN A 247 4.92 27.22 -26.89
N VAL A 248 5.83 26.98 -25.94
CA VAL A 248 5.42 26.83 -24.55
C VAL A 248 4.83 28.14 -24.00
N SER A 249 5.45 29.28 -24.36
CA SER A 249 4.98 30.58 -23.89
C SER A 249 3.53 30.82 -24.34
N LYS A 250 3.16 30.27 -25.50
CA LYS A 250 1.80 30.46 -26.00
C LYS A 250 0.85 29.40 -25.45
N GLY A 251 1.28 28.66 -24.44
CA GLY A 251 0.41 27.66 -23.86
C GLY A 251 0.26 26.34 -24.59
N THR A 252 1.10 26.06 -25.58
CA THR A 252 0.99 24.76 -26.25
C THR A 252 2.15 23.88 -25.75
N LEU A 253 2.10 22.59 -26.02
CA LEU A 253 3.14 21.69 -25.60
C LEU A 253 3.70 21.00 -26.82
N PRO A 254 4.91 21.38 -27.23
CA PRO A 254 5.57 20.79 -28.40
C PRO A 254 5.70 19.28 -28.28
N ALA A 255 5.71 18.62 -29.43
CA ALA A 255 5.87 17.18 -29.47
C ALA A 255 7.27 16.92 -28.90
N GLY A 256 7.38 16.04 -27.90
CA GLY A 256 8.68 15.77 -27.32
C GLY A 256 9.10 16.75 -26.23
N ILE A 257 8.19 17.62 -25.79
CA ILE A 257 8.47 18.61 -24.75
C ILE A 257 8.97 17.94 -23.47
N GLU A 258 8.61 16.66 -23.30
CA GLU A 258 9.01 15.90 -22.11
C GLU A 258 10.53 15.90 -21.92
N TYR A 259 11.31 16.01 -23.00
CA TYR A 259 12.76 16.02 -22.82
C TYR A 259 13.34 17.35 -22.31
N TRP A 260 12.45 18.28 -21.96
CA TRP A 260 12.82 19.55 -21.33
C TRP A 260 12.11 19.58 -19.99
N GLN A 261 11.68 18.40 -19.54
CA GLN A 261 11.00 18.27 -18.24
C GLN A 261 11.72 19.03 -17.11
N PRO A 262 13.07 19.00 -17.08
CA PRO A 262 13.80 19.70 -16.02
C PRO A 262 13.51 21.19 -15.89
N LEU A 263 13.15 21.84 -17.00
CA LEU A 263 12.85 23.28 -16.98
C LEU A 263 11.54 23.64 -16.31
N PHE A 264 10.68 22.64 -16.10
CA PHE A 264 9.38 22.89 -15.45
C PHE A 264 9.48 22.79 -13.92
N PHE A 265 10.68 22.54 -13.40
CA PHE A 265 10.88 22.42 -11.95
C PHE A 265 12.08 23.29 -11.53
N SER A 266 12.02 23.88 -10.33
CA SER A 266 13.11 24.75 -9.87
C SER A 266 14.30 23.98 -9.31
N GLU A 267 14.12 22.70 -9.01
CA GLU A 267 15.20 21.87 -8.50
C GLU A 267 15.46 20.73 -9.49
N PRO A 268 16.70 20.24 -9.54
CA PRO A 268 16.99 19.13 -10.47
C PRO A 268 16.09 17.92 -10.22
N LEU A 269 15.87 17.14 -11.28
CA LEU A 269 15.04 15.96 -11.17
C LEU A 269 15.78 14.88 -10.40
N PRO A 270 15.14 14.34 -9.35
CA PRO A 270 15.79 13.30 -8.56
C PRO A 270 15.80 11.93 -9.24
N PRO A 271 16.56 10.99 -8.69
CA PRO A 271 16.63 9.63 -9.27
C PRO A 271 15.33 8.92 -8.86
N LEU A 272 14.92 7.88 -9.57
CA LEU A 272 13.71 7.16 -9.16
C LEU A 272 13.92 6.62 -7.73
N PHE A 273 15.18 6.37 -7.39
CA PHE A 273 15.55 5.84 -6.08
C PHE A 273 14.97 6.69 -4.96
N SER A 274 14.72 7.97 -5.22
CA SER A 274 14.17 8.85 -4.18
C SER A 274 12.75 8.48 -3.79
N TYR A 275 12.08 7.69 -4.62
CA TYR A 275 10.70 7.27 -4.32
C TYR A 275 10.64 5.96 -3.55
N PHE A 276 11.74 5.23 -3.48
CA PHE A 276 11.70 3.93 -2.82
C PHE A 276 11.55 3.98 -1.31
N PRO A 277 10.59 3.23 -0.76
CA PRO A 277 10.43 3.25 0.70
C PRO A 277 11.56 2.50 1.40
N ALA A 278 11.50 2.46 2.72
CA ALA A 278 12.51 1.77 3.50
C ALA A 278 12.55 0.30 3.13
N ASN A 279 13.71 -0.31 3.30
CA ASN A 279 13.87 -1.74 3.01
C ASN A 279 13.65 -2.15 1.57
N THR A 280 13.71 -1.21 0.63
CA THR A 280 13.52 -1.62 -0.74
C THR A 280 14.70 -2.47 -1.13
N LEU A 281 14.43 -3.63 -1.72
CA LEU A 281 15.48 -4.53 -2.16
C LEU A 281 15.48 -4.51 -3.68
N LEU A 282 16.66 -4.38 -4.26
CA LEU A 282 16.77 -4.36 -5.70
C LEU A 282 17.40 -5.65 -6.21
N VAL A 283 16.74 -6.24 -7.22
CA VAL A 283 17.19 -7.48 -7.83
C VAL A 283 17.47 -7.22 -9.31
N ASN A 284 18.59 -7.75 -9.79
CA ASN A 284 18.99 -7.55 -11.18
C ASN A 284 18.83 -8.83 -11.98
N THR A 285 18.22 -8.73 -13.14
CA THR A 285 18.06 -9.90 -13.99
C THR A 285 18.58 -9.58 -15.38
N GLY A 286 19.75 -10.11 -15.71
CA GLY A 286 20.34 -9.88 -17.02
C GLY A 286 21.69 -9.16 -16.97
N ASP A 287 22.11 -8.66 -18.14
CA ASP A 287 23.39 -7.95 -18.25
C ASP A 287 23.07 -6.46 -18.25
N LEU A 288 22.86 -5.91 -17.07
CA LEU A 288 22.52 -4.51 -16.94
C LEU A 288 23.62 -3.53 -17.36
N GLU A 289 24.88 -3.88 -17.11
CA GLU A 289 26.00 -3.01 -17.45
C GLU A 289 26.06 -2.62 -18.92
N THR A 290 26.12 -3.62 -19.79
CA THR A 290 26.21 -3.37 -21.22
C THR A 290 24.97 -2.66 -21.71
N SER A 291 23.80 -3.09 -21.22
CA SER A 291 22.55 -2.47 -21.62
C SER A 291 22.59 -0.99 -21.21
N ALA A 292 23.03 -0.74 -19.99
CA ALA A 292 23.13 0.60 -19.45
C ALA A 292 24.13 1.46 -20.22
N GLU A 293 25.28 0.87 -20.57
CA GLU A 293 26.31 1.60 -21.31
CA GLU A 293 26.31 1.58 -21.31
C GLU A 293 25.85 1.88 -22.73
N ARG A 294 25.13 0.92 -23.32
CA ARG A 294 24.63 1.10 -24.67
C ARG A 294 23.68 2.29 -24.72
N PHE A 295 22.75 2.35 -23.77
CA PHE A 295 21.78 3.44 -23.69
C PHE A 295 22.47 4.78 -23.47
N GLN A 296 23.42 4.82 -22.55
CA GLN A 296 24.15 6.05 -22.28
C GLN A 296 24.92 6.49 -23.53
N ALA A 297 25.50 5.54 -24.25
CA ALA A 297 26.24 5.91 -25.46
C ALA A 297 25.27 6.51 -26.47
N ASP A 298 24.10 5.89 -26.60
CA ASP A 298 23.11 6.39 -27.55
C ASP A 298 22.61 7.78 -27.21
N THR A 299 22.27 8.03 -25.95
CA THR A 299 21.78 9.34 -25.58
C THR A 299 22.85 10.40 -25.78
N LEU A 300 24.12 10.02 -25.54
CA LEU A 300 25.22 10.94 -25.71
C LEU A 300 25.44 11.27 -27.18
N ALA A 301 25.37 10.26 -28.05
CA ALA A 301 25.56 10.51 -29.48
C ALA A 301 24.45 11.43 -30.01
N ARG A 302 23.22 11.18 -29.59
CA ARG A 302 22.10 12.02 -30.01
C ARG A 302 22.26 13.45 -29.54
N PHE A 303 22.73 13.63 -28.31
CA PHE A 303 22.90 14.97 -27.77
C PHE A 303 24.01 15.71 -28.52
N GLU A 304 25.10 15.02 -28.81
CA GLU A 304 26.23 15.64 -29.52
C GLU A 304 25.88 15.98 -30.94
N ASN A 305 25.09 15.13 -31.58
CA ASN A 305 24.73 15.37 -32.96
C ASN A 305 23.58 16.34 -33.13
N ARG A 306 22.66 16.38 -32.18
CA ARG A 306 21.50 17.27 -32.34
C ARG A 306 21.33 18.34 -31.28
N GLY A 307 22.21 18.36 -30.28
CA GLY A 307 22.10 19.31 -29.18
C GLY A 307 22.13 20.77 -29.51
N VAL A 308 22.90 21.14 -30.53
CA VAL A 308 23.02 22.53 -30.96
C VAL A 308 22.05 22.62 -32.12
N ASP A 309 20.89 23.20 -31.84
CA ASP A 309 19.87 23.31 -32.85
C ASP A 309 19.21 24.65 -32.65
N PRO A 310 18.89 25.32 -33.76
CA PRO A 310 18.26 26.63 -33.62
C PRO A 310 16.88 26.62 -32.96
N MET A 311 16.05 25.63 -33.26
CA MET A 311 14.68 25.56 -32.71
C MET A 311 14.48 24.68 -31.47
N ARG A 312 15.25 23.62 -31.35
CA ARG A 312 15.13 22.69 -30.22
C ARG A 312 16.45 22.34 -29.60
N PRO A 313 17.15 23.32 -28.99
CA PRO A 313 18.44 22.98 -28.37
C PRO A 313 18.14 22.03 -27.21
N LEU A 314 19.03 21.08 -26.99
CA LEU A 314 18.83 20.04 -25.97
C LEU A 314 19.55 20.19 -24.66
N LEU A 315 18.94 19.68 -23.59
CA LEU A 315 19.57 19.72 -22.28
C LEU A 315 20.59 18.60 -22.25
N PRO A 316 21.65 18.76 -21.42
CA PRO A 316 22.64 17.69 -21.37
C PRO A 316 22.04 16.43 -20.79
N PRO A 317 22.56 15.26 -21.18
CA PRO A 317 22.05 14.00 -20.68
C PRO A 317 21.89 13.91 -19.17
N GLN A 318 22.83 14.45 -18.39
CA GLN A 318 22.72 14.36 -16.93
C GLN A 318 21.54 15.12 -16.33
N SER A 319 20.90 15.98 -17.10
CA SER A 319 19.74 16.71 -16.61
C SER A 319 18.55 15.75 -16.59
N LEU A 320 18.64 14.71 -17.40
CA LEU A 320 17.54 13.75 -17.57
C LEU A 320 17.83 12.29 -17.16
N TRP A 321 19.09 11.88 -17.21
CA TRP A 321 19.46 10.49 -16.89
C TRP A 321 20.63 10.37 -15.92
N LEU A 322 20.60 9.33 -15.11
CA LEU A 322 21.69 9.05 -14.20
C LEU A 322 22.80 8.53 -15.09
N ARG A 323 24.05 8.78 -14.71
CA ARG A 323 25.18 8.25 -15.46
C ARG A 323 25.24 6.77 -15.07
N VAL A 324 25.86 5.93 -15.91
CA VAL A 324 25.96 4.51 -15.57
C VAL A 324 26.65 4.31 -14.22
N ASP A 325 27.72 5.06 -13.98
CA ASP A 325 28.42 4.94 -12.71
C ASP A 325 27.51 5.36 -11.54
N GLU A 326 26.67 6.38 -11.75
CA GLU A 326 25.76 6.83 -10.71
C GLU A 326 24.69 5.74 -10.47
N LEU A 327 24.25 5.08 -11.52
CA LEU A 327 23.26 4.03 -11.37
C LEU A 327 23.83 2.93 -10.45
N PHE A 328 24.98 2.36 -10.81
CA PHE A 328 25.57 1.30 -10.00
C PHE A 328 25.86 1.75 -8.57
N SER A 329 26.14 3.03 -8.39
CA SER A 329 26.38 3.53 -7.04
C SER A 329 25.06 3.39 -6.26
N GLU A 330 23.97 3.89 -6.83
CA GLU A 330 22.66 3.79 -6.19
C GLU A 330 22.34 2.32 -5.91
N LEU A 331 22.78 1.44 -6.82
CA LEU A 331 22.53 0.01 -6.66
C LEU A 331 23.32 -0.59 -5.50
N LYS A 332 24.35 0.11 -5.04
CA LYS A 332 25.16 -0.39 -3.93
C LYS A 332 24.93 0.38 -2.64
N ASN A 333 24.09 1.41 -2.69
CA ASN A 333 23.76 2.20 -1.51
C ASN A 333 22.50 1.68 -0.83
N ALA B 26 -15.58 -17.07 -12.40
CA ALA B 26 -16.60 -17.18 -11.30
C ALA B 26 -16.56 -15.94 -10.42
N CYS B 27 -16.83 -16.14 -9.13
CA CYS B 27 -16.83 -15.05 -8.15
C CYS B 27 -15.46 -14.36 -8.20
N ALA B 28 -14.41 -15.17 -8.33
CA ALA B 28 -13.03 -14.69 -8.37
C ALA B 28 -12.75 -13.66 -9.47
N THR B 29 -12.92 -14.05 -10.72
CA THR B 29 -12.69 -13.13 -11.85
C THR B 29 -13.54 -11.87 -11.66
N LEU B 30 -14.76 -12.08 -11.18
CA LEU B 30 -15.69 -11.00 -10.94
C LEU B 30 -15.17 -10.00 -9.89
N VAL B 31 -14.76 -10.52 -8.74
CA VAL B 31 -14.26 -9.64 -7.69
C VAL B 31 -12.97 -8.96 -8.18
N ALA B 32 -12.18 -9.69 -8.96
CA ALA B 32 -10.94 -9.14 -9.49
C ALA B 32 -11.26 -7.94 -10.40
N GLU B 33 -12.26 -8.11 -11.26
CA GLU B 33 -12.65 -7.02 -12.16
C GLU B 33 -13.18 -5.83 -11.39
N ILE B 34 -13.97 -6.09 -10.34
CA ILE B 34 -14.53 -5.02 -9.53
C ILE B 34 -13.46 -4.22 -8.78
N ALA B 35 -12.47 -4.93 -8.24
CA ALA B 35 -11.40 -4.23 -7.52
C ALA B 35 -10.64 -3.35 -8.48
N GLU B 36 -10.56 -3.78 -9.75
CA GLU B 36 -9.84 -2.99 -10.71
C GLU B 36 -10.60 -1.74 -11.12
N ARG B 37 -11.91 -1.84 -11.31
CA ARG B 37 -12.72 -0.70 -11.70
CA ARG B 37 -12.70 -0.68 -11.70
C ARG B 37 -13.01 0.25 -10.54
N HIS B 38 -13.09 -0.30 -9.33
CA HIS B 38 -13.38 0.53 -8.16
C HIS B 38 -12.13 1.17 -7.59
N ALA B 39 -12.15 2.49 -7.46
CA ALA B 39 -11.01 3.23 -6.93
C ALA B 39 -11.06 3.22 -5.41
N GLY B 40 -10.49 2.17 -4.81
CA GLY B 40 -10.48 2.07 -3.36
C GLY B 40 -10.56 0.58 -3.03
N PRO B 41 -10.31 0.20 -1.77
CA PRO B 41 -10.36 -1.21 -1.36
C PRO B 41 -11.73 -1.82 -1.56
N VAL B 42 -11.75 -3.12 -1.83
CA VAL B 42 -12.99 -3.85 -1.96
C VAL B 42 -13.00 -4.95 -0.89
N VAL B 43 -14.00 -4.96 -0.03
CA VAL B 43 -14.09 -5.97 1.01
C VAL B 43 -15.07 -7.05 0.58
N LEU B 44 -14.57 -8.27 0.41
CA LEU B 44 -15.40 -9.40 0.02
C LEU B 44 -15.76 -10.18 1.28
N ILE B 45 -17.05 -10.25 1.58
CA ILE B 45 -17.53 -10.94 2.75
C ILE B 45 -17.83 -12.39 2.39
N ALA B 46 -17.00 -13.29 2.89
CA ALA B 46 -17.12 -14.71 2.61
C ALA B 46 -17.98 -15.43 3.65
N PRO B 47 -18.49 -16.62 3.30
CA PRO B 47 -19.34 -17.43 4.20
C PRO B 47 -18.62 -17.97 5.43
N ASP B 48 -17.40 -18.44 5.24
CA ASP B 48 -16.61 -18.98 6.35
C ASP B 48 -15.15 -18.84 5.98
N MET B 49 -14.27 -19.22 6.90
CA MET B 49 -12.84 -19.10 6.66
C MET B 49 -12.29 -19.98 5.55
N GLN B 50 -12.82 -21.20 5.43
CA GLN B 50 -12.33 -22.09 4.37
C GLN B 50 -12.61 -21.49 3.01
N ASN B 51 -13.82 -20.99 2.80
CA ASN B 51 -14.14 -20.39 1.52
C ASN B 51 -13.35 -19.08 1.33
N ALA B 52 -13.02 -18.41 2.44
CA ALA B 52 -12.24 -17.17 2.38
C ALA B 52 -10.83 -17.50 1.86
N LEU B 53 -10.23 -18.56 2.40
CA LEU B 53 -8.90 -18.93 1.94
C LEU B 53 -8.97 -19.31 0.47
N ARG B 54 -9.99 -20.09 0.11
CA ARG B 54 -10.20 -20.54 -1.25
C ARG B 54 -10.26 -19.31 -2.16
N LEU B 55 -11.16 -18.37 -1.84
CA LEU B 55 -11.28 -17.16 -2.65
C LEU B 55 -9.96 -16.39 -2.73
N HIS B 56 -9.26 -16.26 -1.61
CA HIS B 56 -7.98 -15.55 -1.59
C HIS B 56 -7.02 -16.11 -2.63
N ASP B 57 -6.87 -17.43 -2.63
CA ASP B 57 -5.99 -18.09 -3.59
C ASP B 57 -6.45 -17.90 -5.03
N GLU B 58 -7.75 -17.97 -5.26
CA GLU B 58 -8.28 -17.80 -6.62
C GLU B 58 -8.12 -16.37 -7.14
N ILE B 59 -8.63 -15.40 -6.39
CA ILE B 59 -8.54 -14.00 -6.80
C ILE B 59 -7.07 -13.56 -6.99
N SER B 60 -6.18 -14.00 -6.09
CA SER B 60 -4.75 -13.64 -6.18
C SER B 60 -4.16 -13.87 -7.56
N GLN B 61 -4.49 -15.02 -8.15
CA GLN B 61 -3.97 -15.39 -9.46
C GLN B 61 -4.51 -14.52 -10.59
N PHE B 62 -5.67 -13.87 -10.37
CA PHE B 62 -6.31 -13.02 -11.40
C PHE B 62 -6.02 -11.52 -11.32
N THR B 63 -5.15 -11.08 -10.42
CA THR B 63 -4.90 -9.64 -10.30
C THR B 63 -3.48 -9.30 -9.88
N ASP B 64 -3.12 -8.03 -10.08
CA ASP B 64 -1.82 -7.51 -9.67
C ASP B 64 -2.01 -6.57 -8.47
N GLN B 65 -3.22 -6.56 -7.94
CA GLN B 65 -3.50 -5.76 -6.76
C GLN B 65 -3.33 -6.64 -5.52
N MET B 66 -3.22 -5.98 -4.39
CA MET B 66 -3.05 -6.65 -3.12
C MET B 66 -4.31 -7.45 -2.79
N VAL B 67 -4.15 -8.71 -2.35
CA VAL B 67 -5.30 -9.51 -1.97
C VAL B 67 -5.00 -10.08 -0.61
N MET B 68 -5.69 -9.55 0.40
CA MET B 68 -5.47 -9.99 1.77
C MET B 68 -6.70 -10.70 2.35
N ASN B 69 -6.46 -11.55 3.33
CA ASN B 69 -7.51 -12.29 4.01
C ASN B 69 -7.41 -11.83 5.48
N LEU B 70 -8.52 -11.60 6.18
CA LEU B 70 -8.38 -11.29 7.61
C LEU B 70 -8.69 -12.66 8.21
N ALA B 71 -7.67 -13.31 8.72
CA ALA B 71 -7.85 -14.64 9.28
C ALA B 71 -8.74 -14.65 10.50
N ASP B 72 -9.62 -15.64 10.59
CA ASP B 72 -10.46 -15.81 11.76
C ASP B 72 -9.59 -16.46 12.84
N TRP B 73 -9.91 -16.24 14.12
CA TRP B 73 -9.12 -16.88 15.18
C TRP B 73 -9.19 -18.41 15.04
N GLU B 74 -10.26 -18.87 14.41
CA GLU B 74 -10.51 -20.30 14.19
C GLU B 74 -10.88 -21.05 15.47
N THR B 75 -10.92 -20.36 16.60
CA THR B 75 -11.33 -20.99 17.85
C THR B 75 -12.83 -20.74 18.00
N LEU B 76 -13.49 -21.57 18.82
CA LEU B 76 -14.91 -21.40 19.08
C LEU B 76 -15.09 -20.22 20.02
N PRO B 77 -16.20 -19.49 19.90
CA PRO B 77 -16.35 -18.37 20.83
C PRO B 77 -16.26 -18.95 22.24
N TYR B 78 -15.48 -18.29 23.10
CA TYR B 78 -15.28 -18.72 24.47
C TYR B 78 -14.62 -20.10 24.57
N ASP B 79 -13.80 -20.42 23.57
CA ASP B 79 -13.08 -21.70 23.53
C ASP B 79 -12.12 -21.88 24.71
N SER B 80 -11.76 -23.13 24.96
CA SER B 80 -10.79 -23.48 26.00
C SER B 80 -9.40 -23.50 25.33
N PHE B 81 -9.33 -23.10 24.07
CA PHE B 81 -8.08 -23.05 23.30
C PHE B 81 -7.83 -21.61 22.84
N SER B 82 -6.57 -21.27 22.61
CA SER B 82 -6.19 -19.96 22.11
C SER B 82 -5.91 -20.15 20.61
N PRO B 83 -6.01 -19.09 19.80
CA PRO B 83 -5.73 -19.30 18.38
C PRO B 83 -4.23 -19.55 18.18
N HIS B 84 -3.86 -20.21 17.09
CA HIS B 84 -2.45 -20.47 16.79
C HIS B 84 -1.68 -19.19 16.51
N GLN B 85 -0.38 -19.20 16.78
CA GLN B 85 0.46 -18.01 16.59
C GLN B 85 0.51 -17.50 15.15
N ASP B 86 0.50 -18.42 14.18
CA ASP B 86 0.53 -18.05 12.77
C ASP B 86 -0.73 -17.26 12.40
N ILE B 87 -1.85 -17.61 13.06
CA ILE B 87 -3.10 -16.92 12.81
C ILE B 87 -3.02 -15.50 13.34
N ILE B 88 -2.49 -15.35 14.55
CA ILE B 88 -2.35 -14.01 15.14
C ILE B 88 -1.44 -13.16 14.26
N SER B 89 -0.35 -13.76 13.80
CA SER B 89 0.64 -13.06 12.97
C SER B 89 -0.02 -12.54 11.70
N SER B 90 -0.83 -13.37 11.05
CA SER B 90 -1.53 -12.99 9.84
CA SER B 90 -1.52 -12.96 9.83
C SER B 90 -2.49 -11.83 10.12
N ARG B 91 -3.27 -11.96 11.20
CA ARG B 91 -4.24 -10.93 11.56
C ARG B 91 -3.60 -9.58 11.86
N LEU B 92 -2.48 -9.59 12.58
CA LEU B 92 -1.79 -8.36 12.94
C LEU B 92 -1.22 -7.71 11.69
N SER B 93 -0.73 -8.52 10.77
CA SER B 93 -0.21 -7.98 9.52
C SER B 93 -1.36 -7.30 8.75
N THR B 94 -2.48 -8.00 8.63
CA THR B 94 -3.62 -7.43 7.92
C THR B 94 -4.16 -6.14 8.55
N LEU B 95 -4.32 -6.15 9.88
CA LEU B 95 -4.82 -4.95 10.56
C LEU B 95 -3.86 -3.80 10.39
N TYR B 96 -2.57 -4.12 10.30
CA TYR B 96 -1.58 -3.07 10.13
C TYR B 96 -1.65 -2.44 8.75
N GLN B 97 -1.80 -3.26 7.71
CA GLN B 97 -1.85 -2.76 6.33
C GLN B 97 -3.18 -2.11 5.89
N LEU B 98 -4.28 -2.55 6.49
CA LEU B 98 -5.62 -2.08 6.14
C LEU B 98 -5.89 -0.59 5.96
N PRO B 99 -5.60 0.23 6.99
CA PRO B 99 -5.84 1.67 6.91
C PRO B 99 -5.22 2.39 5.71
N THR B 100 -4.16 1.83 5.14
CA THR B 100 -3.50 2.47 4.01
C THR B 100 -3.66 1.70 2.73
N MET B 101 -4.51 0.67 2.77
CA MET B 101 -4.74 -0.11 1.58
C MET B 101 -5.60 0.76 0.66
N GLN B 102 -5.04 1.23 -0.44
CA GLN B 102 -5.79 2.08 -1.37
C GLN B 102 -6.47 1.27 -2.46
N ARG B 103 -5.82 0.20 -2.91
CA ARG B 103 -6.36 -0.66 -3.95
CA ARG B 103 -6.40 -0.65 -3.93
C ARG B 103 -6.20 -2.12 -3.54
N GLY B 104 -7.13 -2.96 -3.95
CA GLY B 104 -7.00 -4.36 -3.61
C GLY B 104 -8.26 -4.91 -3.00
N VAL B 105 -8.15 -6.14 -2.53
CA VAL B 105 -9.28 -6.80 -1.92
CA VAL B 105 -9.28 -6.80 -1.92
C VAL B 105 -8.92 -7.41 -0.57
N LEU B 106 -9.85 -7.27 0.36
CA LEU B 106 -9.70 -7.83 1.68
CA LEU B 106 -9.70 -7.84 1.67
C LEU B 106 -10.86 -8.82 1.76
N ILE B 107 -10.56 -10.07 2.09
CA ILE B 107 -11.60 -11.08 2.20
C ILE B 107 -11.78 -11.40 3.70
N VAL B 108 -13.00 -11.31 4.20
CA VAL B 108 -13.28 -11.58 5.61
C VAL B 108 -14.55 -12.44 5.82
N PRO B 109 -14.46 -13.53 6.62
CA PRO B 109 -15.68 -14.33 6.83
C PRO B 109 -16.73 -13.48 7.55
N VAL B 110 -18.01 -13.79 7.34
CA VAL B 110 -19.07 -13.02 7.98
C VAL B 110 -18.91 -13.04 9.51
N ASN B 111 -18.60 -14.20 10.09
CA ASN B 111 -18.45 -14.26 11.55
C ASN B 111 -17.29 -13.41 12.05
N THR B 112 -16.23 -13.32 11.26
CA THR B 112 -15.05 -12.55 11.60
C THR B 112 -15.33 -11.05 11.56
N LEU B 113 -16.10 -10.65 10.56
CA LEU B 113 -16.49 -9.26 10.37
C LEU B 113 -17.27 -8.77 11.60
N MET B 114 -18.00 -9.68 12.24
CA MET B 114 -18.80 -9.33 13.41
C MET B 114 -17.99 -9.22 14.72
N GLN B 115 -16.74 -9.70 14.70
CA GLN B 115 -15.92 -9.64 15.90
C GLN B 115 -15.24 -8.29 16.04
N ARG B 116 -15.33 -7.70 17.21
CA ARG B 116 -14.66 -6.41 17.46
C ARG B 116 -13.17 -6.72 17.48
N VAL B 117 -12.36 -5.68 17.31
CA VAL B 117 -10.91 -5.86 17.25
C VAL B 117 -10.20 -4.87 18.14
N CYS B 118 -8.90 -5.06 18.30
CA CYS B 118 -8.11 -4.14 19.09
C CYS B 118 -8.16 -2.82 18.32
N PRO B 119 -8.14 -1.69 19.03
CA PRO B 119 -8.17 -0.41 18.33
C PRO B 119 -6.88 -0.18 17.55
N HIS B 120 -7.03 0.48 16.42
CA HIS B 120 -5.92 0.80 15.54
C HIS B 120 -4.79 1.54 16.28
N SER B 121 -5.16 2.34 17.26
CA SER B 121 -4.18 3.08 18.02
C SER B 121 -3.26 2.10 18.75
N PHE B 122 -3.79 0.91 19.08
CA PHE B 122 -2.98 -0.09 19.76
C PHE B 122 -1.82 -0.52 18.88
N LEU B 123 -2.11 -0.86 17.64
CA LEU B 123 -1.07 -1.29 16.72
C LEU B 123 -0.02 -0.22 16.44
N HIS B 124 -0.47 1.01 16.20
CA HIS B 124 0.46 2.10 15.92
CA HIS B 124 0.40 2.16 15.92
C HIS B 124 1.16 2.69 17.14
N GLY B 125 0.51 2.62 18.30
CA GLY B 125 1.16 3.13 19.50
C GLY B 125 2.19 2.13 20.01
N HIS B 126 1.98 0.84 19.72
CA HIS B 126 2.88 -0.21 20.15
C HIS B 126 3.83 -0.76 19.10
N ALA B 127 3.70 -0.31 17.86
CA ALA B 127 4.59 -0.77 16.79
C ALA B 127 5.97 -0.18 17.06
N LEU B 128 6.91 -1.05 17.44
CA LEU B 128 8.26 -0.62 17.75
C LEU B 128 9.18 -0.80 16.54
N VAL B 129 10.01 0.20 16.28
CA VAL B 129 10.93 0.13 15.17
C VAL B 129 12.34 -0.21 15.63
N MET B 130 12.94 -1.21 14.99
CA MET B 130 14.30 -1.59 15.31
C MET B 130 15.06 -1.44 14.01
N LYS B 131 16.11 -0.62 14.03
CA LYS B 131 16.86 -0.38 12.81
C LYS B 131 18.38 -0.46 12.95
N LYS B 132 19.03 -0.69 11.83
CA LYS B 132 20.47 -0.79 11.78
C LYS B 132 21.10 0.47 12.36
N GLY B 133 22.14 0.30 13.17
CA GLY B 133 22.80 1.45 13.77
C GLY B 133 22.21 1.93 15.09
N GLN B 134 21.08 1.36 15.48
CA GLN B 134 20.45 1.75 16.74
C GLN B 134 21.29 1.21 17.89
N ARG B 135 21.47 2.03 18.93
CA ARG B 135 22.24 1.64 20.12
C ARG B 135 21.31 1.40 21.29
N LEU B 136 21.37 0.19 21.84
CA LEU B 136 20.51 -0.22 22.94
C LEU B 136 21.27 -1.08 23.94
N SER B 137 21.00 -0.89 25.22
CA SER B 137 21.65 -1.73 26.20
C SER B 137 21.02 -3.12 26.05
N ARG B 138 21.80 -4.16 26.35
CA ARG B 138 21.34 -5.54 26.26
C ARG B 138 20.03 -5.79 27.03
N ASP B 139 19.93 -5.29 28.26
CA ASP B 139 18.70 -5.50 29.02
C ASP B 139 17.58 -4.57 28.53
N ALA B 140 17.94 -3.46 27.89
CA ALA B 140 16.95 -2.53 27.37
C ALA B 140 16.24 -3.23 26.20
N LEU B 141 17.02 -3.90 25.35
CA LEU B 141 16.47 -4.61 24.20
C LEU B 141 15.56 -5.72 24.73
N ARG B 142 16.04 -6.46 25.72
CA ARG B 142 15.26 -7.55 26.30
C ARG B 142 13.95 -7.02 26.88
N THR B 143 14.03 -5.89 27.60
CA THR B 143 12.84 -5.30 28.19
C THR B 143 11.85 -4.85 27.12
N GLN B 144 12.38 -4.35 26.01
CA GLN B 144 11.59 -3.89 24.88
C GLN B 144 10.81 -5.09 24.32
N LEU B 145 11.51 -6.18 24.09
CA LEU B 145 10.89 -7.38 23.55
C LEU B 145 9.88 -8.02 24.50
N ASP B 146 10.26 -8.14 25.78
CA ASP B 146 9.38 -8.76 26.76
C ASP B 146 8.12 -7.97 27.00
N SER B 147 8.24 -6.65 27.13
CA SER B 147 7.07 -5.83 27.39
CA SER B 147 7.08 -5.82 27.38
C SER B 147 6.13 -5.86 26.19
N ALA B 148 6.67 -6.14 25.01
CA ALA B 148 5.85 -6.21 23.81
C ALA B 148 5.16 -7.58 23.72
N GLY B 149 5.49 -8.47 24.66
CA GLY B 149 4.87 -9.79 24.68
C GLY B 149 5.67 -10.91 24.04
N TYR B 150 6.88 -10.63 23.59
CA TYR B 150 7.67 -11.70 22.98
C TYR B 150 8.23 -12.63 24.04
N ARG B 151 8.29 -13.91 23.72
CA ARG B 151 8.75 -14.93 24.66
C ARG B 151 10.16 -15.45 24.38
N HIS B 152 11.01 -15.40 25.40
CA HIS B 152 12.39 -15.88 25.28
C HIS B 152 12.40 -17.41 25.29
N VAL B 153 12.96 -18.01 24.24
CA VAL B 153 13.03 -19.46 24.15
C VAL B 153 14.45 -19.89 23.75
N ASP B 154 14.70 -21.20 23.77
CA ASP B 154 16.00 -21.74 23.39
C ASP B 154 16.26 -21.50 21.92
N GLN B 155 15.30 -21.89 21.09
CA GLN B 155 15.40 -21.65 19.66
C GLN B 155 14.03 -21.28 19.13
N VAL B 156 13.99 -20.25 18.30
CA VAL B 156 12.76 -19.75 17.72
C VAL B 156 12.07 -20.75 16.79
N MET B 157 10.78 -20.96 17.03
CA MET B 157 9.98 -21.88 16.23
C MET B 157 8.70 -21.19 15.76
N GLU B 158 8.16 -20.31 16.58
CA GLU B 158 6.91 -19.64 16.25
C GLU B 158 6.98 -18.13 16.35
N HIS B 159 5.97 -17.51 15.75
CA HIS B 159 5.83 -16.07 15.79
C HIS B 159 5.71 -15.67 17.27
N GLY B 160 6.37 -14.57 17.65
CA GLY B 160 6.27 -14.10 19.02
C GLY B 160 7.35 -14.60 19.96
N GLU B 161 8.33 -15.28 19.39
CA GLU B 161 9.43 -15.83 20.18
C GLU B 161 10.74 -15.19 19.78
N TYR B 162 11.73 -15.27 20.67
CA TYR B 162 13.07 -14.78 20.39
C TYR B 162 14.00 -15.69 21.19
N ALA B 163 15.23 -15.79 20.73
CA ALA B 163 16.26 -16.61 21.37
C ALA B 163 17.55 -15.84 21.25
N THR B 164 18.45 -16.03 22.21
CA THR B 164 19.71 -15.31 22.22
C THR B 164 20.92 -16.21 22.31
N ARG B 165 22.06 -15.69 21.87
CA ARG B 165 23.33 -16.38 21.92
C ARG B 165 24.41 -15.28 21.89
N GLY B 166 24.77 -14.79 23.07
CA GLY B 166 25.75 -13.73 23.15
C GLY B 166 25.24 -12.47 22.48
N ALA B 167 25.96 -12.02 21.46
CA ALA B 167 25.56 -10.80 20.75
C ALA B 167 24.52 -11.07 19.67
N LEU B 168 24.14 -12.33 19.51
CA LEU B 168 23.16 -12.70 18.50
C LEU B 168 21.77 -12.88 19.09
N LEU B 169 20.77 -12.36 18.37
CA LEU B 169 19.40 -12.45 18.80
C LEU B 169 18.55 -12.89 17.61
N ASP B 170 17.87 -14.02 17.75
CA ASP B 170 16.99 -14.52 16.72
C ASP B 170 15.61 -14.09 17.21
N LEU B 171 14.77 -13.58 16.30
CA LEU B 171 13.44 -13.15 16.69
C LEU B 171 12.45 -13.33 15.56
N PHE B 172 11.26 -13.83 15.91
CA PHE B 172 10.23 -14.07 14.90
C PHE B 172 9.13 -13.03 15.10
N PRO B 173 9.27 -11.87 14.44
CA PRO B 173 8.25 -10.82 14.59
C PRO B 173 6.86 -11.15 14.10
N MET B 174 5.86 -10.67 14.82
CA MET B 174 4.48 -10.88 14.42
C MET B 174 4.35 -10.17 13.09
N GLY B 175 3.63 -10.79 12.17
CA GLY B 175 3.47 -10.19 10.85
C GLY B 175 4.58 -10.56 9.87
N SER B 176 5.65 -11.23 10.31
CA SER B 176 6.72 -11.57 9.37
C SER B 176 6.66 -13.02 8.89
N GLU B 177 6.89 -13.27 7.61
CA GLU B 177 6.84 -14.67 7.16
C GLU B 177 7.93 -15.51 7.79
N LEU B 178 9.11 -14.92 7.98
CA LEU B 178 10.27 -15.63 8.53
C LEU B 178 10.91 -14.88 9.69
N PRO B 179 11.64 -15.61 10.56
CA PRO B 179 12.30 -14.98 11.71
C PRO B 179 13.52 -14.21 11.20
N TYR B 180 14.09 -13.39 12.06
CA TYR B 180 15.27 -12.57 11.75
C TYR B 180 16.41 -12.87 12.72
N ARG B 181 17.64 -12.71 12.25
CA ARG B 181 18.80 -12.87 13.12
C ARG B 181 19.38 -11.48 13.20
N LEU B 182 19.46 -10.94 14.42
CA LEU B 182 20.01 -9.61 14.64
C LEU B 182 21.37 -9.75 15.26
N ASP B 183 22.34 -9.05 14.68
CA ASP B 183 23.67 -9.08 15.24
C ASP B 183 23.75 -7.84 16.13
N PHE B 184 23.80 -8.08 17.44
CA PHE B 184 23.82 -7.00 18.41
C PHE B 184 25.21 -6.70 18.99
N PHE B 185 26.25 -7.16 18.29
CA PHE B 185 27.64 -6.95 18.71
C PHE B 185 27.85 -5.49 19.08
N ASP B 186 28.41 -5.25 20.26
CA ASP B 186 28.66 -3.89 20.77
C ASP B 186 27.42 -3.12 21.22
N ASP B 187 26.33 -3.85 21.45
CA ASP B 187 25.07 -3.23 21.87
C ASP B 187 24.61 -2.17 20.87
N GLU B 188 24.72 -2.53 19.59
CA GLU B 188 24.32 -1.70 18.46
C GLU B 188 23.86 -2.72 17.42
N ILE B 189 22.73 -2.45 16.77
CA ILE B 189 22.23 -3.37 15.76
C ILE B 189 23.14 -3.29 14.55
N ASP B 190 24.04 -4.27 14.40
CA ASP B 190 24.99 -4.26 13.30
C ASP B 190 24.37 -4.74 11.99
N SER B 191 23.41 -5.65 12.07
CA SER B 191 22.73 -6.16 10.89
C SER B 191 21.45 -6.89 11.28
N LEU B 192 20.49 -6.89 10.36
CA LEU B 192 19.20 -7.58 10.55
C LEU B 192 19.01 -8.37 9.28
N ARG B 193 18.92 -9.69 9.40
CA ARG B 193 18.74 -10.54 8.23
C ARG B 193 17.71 -11.61 8.47
N VAL B 194 16.94 -11.90 7.42
CA VAL B 194 15.95 -12.95 7.48
C VAL B 194 16.78 -14.23 7.56
N PHE B 195 16.26 -15.29 8.19
CA PHE B 195 17.04 -16.52 8.21
C PHE B 195 16.17 -17.77 8.17
N ASP B 196 16.73 -18.82 7.61
CA ASP B 196 16.07 -20.12 7.49
C ASP B 196 16.50 -20.93 8.70
N VAL B 197 15.54 -21.35 9.51
CA VAL B 197 15.84 -22.13 10.70
C VAL B 197 16.39 -23.51 10.37
N ASP B 198 15.97 -24.06 9.25
CA ASP B 198 16.43 -25.40 8.87
C ASP B 198 17.88 -25.46 8.43
N SER B 199 18.31 -24.52 7.60
CA SER B 199 19.69 -24.51 7.15
C SER B 199 20.54 -23.62 8.05
N GLN B 200 19.88 -22.96 8.99
CA GLN B 200 20.55 -22.05 9.91
C GLN B 200 21.41 -20.99 9.20
N ARG B 201 20.99 -20.61 8.00
CA ARG B 201 21.71 -19.62 7.20
C ARG B 201 20.86 -18.35 7.02
N THR B 202 21.51 -17.20 6.95
CA THR B 202 20.82 -15.94 6.77
C THR B 202 20.59 -15.64 5.29
N LEU B 203 19.55 -14.87 5.01
CA LEU B 203 19.23 -14.48 3.63
C LEU B 203 19.41 -12.96 3.50
N GLU B 204 18.61 -12.30 2.68
CA GLU B 204 18.72 -10.85 2.49
C GLU B 204 18.68 -10.02 3.77
N GLU B 205 19.30 -8.85 3.71
CA GLU B 205 19.37 -7.95 4.85
C GLU B 205 18.35 -6.82 4.69
N VAL B 206 17.91 -6.25 5.82
CA VAL B 206 16.96 -5.13 5.80
C VAL B 206 17.52 -4.01 6.68
N GLU B 207 17.06 -2.79 6.42
CA GLU B 207 17.49 -1.59 7.16
C GLU B 207 16.82 -1.52 8.52
N ALA B 208 15.61 -2.06 8.61
CA ALA B 208 14.85 -2.01 9.84
C ALA B 208 13.64 -2.94 9.81
N ILE B 209 13.07 -3.17 10.98
CA ILE B 209 11.88 -3.99 11.12
C ILE B 209 10.94 -3.31 12.09
N ASN B 210 9.67 -3.48 11.83
CA ASN B 210 8.65 -2.90 12.67
C ASN B 210 8.16 -4.07 13.52
N LEU B 211 8.50 -4.02 14.80
CA LEU B 211 8.11 -5.07 15.73
C LEU B 211 6.69 -4.83 16.24
N LEU B 212 5.73 -5.59 15.74
CA LEU B 212 4.35 -5.43 16.18
C LEU B 212 4.17 -6.17 17.50
N PRO B 213 3.14 -5.81 18.28
CA PRO B 213 2.85 -6.46 19.57
C PRO B 213 2.73 -7.96 19.32
N ALA B 214 3.01 -8.77 20.33
CA ALA B 214 2.93 -10.23 20.19
C ALA B 214 1.49 -10.78 20.23
N HIS B 215 0.53 -9.94 20.62
CA HIS B 215 -0.88 -10.31 20.69
C HIS B 215 -1.71 -9.12 20.24
N GLU B 216 -3.03 -9.33 20.14
CA GLU B 216 -3.98 -8.27 19.79
C GLU B 216 -4.43 -7.53 21.06
N PHE B 217 -3.57 -7.59 22.08
CA PHE B 217 -3.82 -6.90 23.36
C PHE B 217 -2.47 -6.71 24.04
N PRO B 218 -2.32 -5.62 24.83
CA PRO B 218 -1.04 -5.41 25.51
C PRO B 218 -0.91 -6.36 26.69
N THR B 219 0.30 -6.72 27.04
CA THR B 219 0.53 -7.65 28.13
C THR B 219 1.64 -7.17 29.07
N ASP B 220 1.95 -5.89 29.02
CA ASP B 220 3.00 -5.34 29.87
C ASP B 220 2.47 -5.01 31.25
N LYS B 221 3.37 -4.59 32.14
CA LYS B 221 3.01 -4.27 33.52
C LYS B 221 1.71 -3.49 33.62
N ALA B 222 1.61 -2.41 32.87
CA ALA B 222 0.40 -1.58 32.91
C ALA B 222 -0.85 -2.31 32.42
N ALA B 223 -0.71 -3.11 31.36
CA ALA B 223 -1.84 -3.84 30.80
C ALA B 223 -2.39 -4.81 31.85
N ILE B 224 -1.48 -5.53 32.50
CA ILE B 224 -1.85 -6.47 33.54
C ILE B 224 -2.56 -5.79 34.71
N GLU B 225 -2.10 -4.59 35.07
CA GLU B 225 -2.74 -3.85 36.16
C GLU B 225 -4.14 -3.43 35.72
N LEU B 226 -4.27 -3.02 34.46
CA LEU B 226 -5.58 -2.63 33.94
C LEU B 226 -6.50 -3.87 33.87
N PHE B 227 -5.94 -5.00 33.46
CA PHE B 227 -6.75 -6.22 33.37
C PHE B 227 -7.31 -6.56 34.75
N ARG B 228 -6.43 -6.63 35.75
CA ARG B 228 -6.85 -6.94 37.11
C ARG B 228 -7.93 -5.97 37.60
N SER B 229 -7.67 -4.68 37.45
CA SER B 229 -8.61 -3.65 37.88
C SER B 229 -9.97 -3.82 37.23
N GLN B 230 -9.98 -3.97 35.91
CA GLN B 230 -11.26 -4.12 35.20
C GLN B 230 -11.88 -5.48 35.53
N TRP B 231 -11.05 -6.46 35.80
CA TRP B 231 -11.58 -7.78 36.17
C TRP B 231 -12.37 -7.64 37.48
N ARG B 232 -11.75 -7.04 38.49
CA ARG B 232 -12.38 -6.84 39.79
C ARG B 232 -13.71 -6.10 39.69
N ASP B 233 -13.84 -5.19 38.73
CA ASP B 233 -15.09 -4.44 38.58
C ASP B 233 -16.14 -5.27 37.87
N THR B 234 -15.73 -6.42 37.35
CA THR B 234 -16.63 -7.26 36.60
C THR B 234 -16.95 -8.61 37.22
N PHE B 235 -15.92 -9.29 37.67
CA PHE B 235 -16.06 -10.64 38.21
C PHE B 235 -15.50 -10.79 39.61
N GLU B 236 -15.91 -11.87 40.27
CA GLU B 236 -15.39 -12.20 41.60
C GLU B 236 -13.98 -12.73 41.37
N VAL B 237 -13.20 -12.76 42.43
CA VAL B 237 -11.83 -13.25 42.36
C VAL B 237 -11.73 -14.47 43.29
N LYS B 238 -11.14 -15.55 42.80
CA LYS B 238 -10.96 -16.76 43.58
C LYS B 238 -9.47 -16.95 43.85
N ARG B 239 -9.16 -17.56 44.98
CA ARG B 239 -7.79 -17.80 45.38
C ARG B 239 -7.13 -18.86 44.50
N ASP B 240 -7.94 -19.78 44.02
CA ASP B 240 -7.44 -20.87 43.19
C ASP B 240 -6.59 -20.36 42.02
N PRO B 241 -5.38 -20.92 41.86
CA PRO B 241 -4.45 -20.54 40.78
C PRO B 241 -4.88 -20.85 39.36
N GLU B 242 -5.97 -21.60 39.22
CA GLU B 242 -6.51 -21.93 37.90
C GLU B 242 -7.43 -20.79 37.49
N HIS B 243 -7.69 -19.89 38.44
CA HIS B 243 -8.56 -18.75 38.18
C HIS B 243 -7.89 -17.78 37.21
N ILE B 244 -8.67 -17.32 36.23
CA ILE B 244 -8.15 -16.41 35.21
C ILE B 244 -7.39 -15.24 35.81
N TYR B 245 -8.02 -14.53 36.75
CA TYR B 245 -7.40 -13.38 37.40
C TYR B 245 -6.03 -13.74 37.99
N GLN B 246 -5.99 -14.85 38.72
CA GLN B 246 -4.75 -15.31 39.35
C GLN B 246 -3.66 -15.61 38.31
N GLN B 247 -4.03 -16.30 37.24
CA GLN B 247 -3.07 -16.64 36.19
C GLN B 247 -2.55 -15.40 35.44
N VAL B 248 -3.42 -14.46 35.09
CA VAL B 248 -2.98 -13.27 34.38
C VAL B 248 -2.09 -12.42 35.29
N SER B 249 -2.51 -12.26 36.54
CA SER B 249 -1.76 -11.49 37.53
C SER B 249 -0.33 -12.01 37.62
N LYS B 250 -0.14 -13.31 37.46
CA LYS B 250 1.19 -13.92 37.54
C LYS B 250 1.94 -13.90 36.22
N GLY B 251 1.43 -13.14 35.25
CA GLY B 251 2.11 -13.05 33.97
C GLY B 251 1.91 -14.19 32.99
N THR B 252 0.99 -15.09 33.26
CA THR B 252 0.76 -16.18 32.33
C THR B 252 -0.49 -15.86 31.50
N LEU B 253 -0.57 -16.43 30.31
CA LEU B 253 -1.74 -16.22 29.46
C LEU B 253 -2.51 -17.55 29.34
N PRO B 254 -3.65 -17.67 30.04
CA PRO B 254 -4.48 -18.88 30.00
C PRO B 254 -4.89 -19.27 28.58
N ALA B 255 -5.05 -20.57 28.35
CA ALA B 255 -5.49 -21.04 27.05
C ALA B 255 -6.86 -20.39 26.83
N GLY B 256 -7.06 -19.78 25.66
CA GLY B 256 -8.34 -19.13 25.42
C GLY B 256 -8.48 -17.75 26.07
N ILE B 257 -7.40 -17.18 26.58
CA ILE B 257 -7.44 -15.85 27.24
C ILE B 257 -7.96 -14.78 26.28
N GLU B 258 -7.88 -15.05 24.97
CA GLU B 258 -8.34 -14.09 23.97
C GLU B 258 -9.79 -13.70 24.13
N TYR B 259 -10.60 -14.57 24.74
CA TYR B 259 -11.99 -14.22 24.92
C TYR B 259 -12.26 -13.23 26.05
N TRP B 260 -11.18 -12.76 26.69
CA TRP B 260 -11.28 -11.71 27.71
C TRP B 260 -10.45 -10.51 27.18
N GLN B 261 -10.19 -10.50 25.88
CA GLN B 261 -9.43 -9.42 25.24
C GLN B 261 -9.89 -8.00 25.66
N PRO B 262 -11.21 -7.78 25.78
CA PRO B 262 -11.73 -6.46 26.18
C PRO B 262 -11.17 -5.91 27.53
N LEU B 263 -10.83 -6.80 28.45
CA LEU B 263 -10.31 -6.36 29.76
C LEU B 263 -8.92 -5.76 29.70
N PHE B 264 -8.21 -5.99 28.61
CA PHE B 264 -6.87 -5.44 28.44
C PHE B 264 -6.92 -4.03 27.86
N PHE B 265 -8.12 -3.50 27.65
CA PHE B 265 -8.28 -2.15 27.09
C PHE B 265 -9.26 -1.32 27.92
N SER B 266 -8.97 -0.03 28.10
CA SER B 266 -9.85 0.83 28.90
C SER B 266 -11.06 1.29 28.10
N GLU B 267 -10.96 1.24 26.78
CA GLU B 267 -12.08 1.63 25.92
C GLU B 267 -12.68 0.37 25.31
N PRO B 268 -13.96 0.42 24.92
CA PRO B 268 -14.53 -0.78 24.32
C PRO B 268 -13.83 -1.09 23.00
N LEU B 269 -13.84 -2.35 22.59
CA LEU B 269 -13.20 -2.72 21.35
C LEU B 269 -14.05 -2.20 20.20
N PRO B 270 -13.43 -1.54 19.22
CA PRO B 270 -14.20 -1.02 18.09
C PRO B 270 -14.49 -2.06 17.02
N PRO B 271 -15.44 -1.77 16.11
CA PRO B 271 -15.76 -2.72 15.04
C PRO B 271 -14.64 -2.75 14.00
N LEU B 272 -14.54 -3.84 13.25
CA LEU B 272 -13.49 -3.93 12.23
C LEU B 272 -13.59 -2.76 11.24
N PHE B 273 -14.82 -2.32 11.01
CA PHE B 273 -15.08 -1.21 10.08
C PHE B 273 -14.21 0.02 10.37
N SER B 274 -13.82 0.22 11.63
CA SER B 274 -13.00 1.39 11.99
C SER B 274 -11.66 1.38 11.26
N TYR B 275 -11.27 0.23 10.73
CA TYR B 275 -10.02 0.13 10.01
C TYR B 275 -10.17 0.36 8.52
N PHE B 276 -11.38 0.23 7.99
CA PHE B 276 -11.55 0.41 6.54
C PHE B 276 -11.25 1.82 6.07
N PRO B 277 -10.42 1.94 5.03
CA PRO B 277 -10.16 3.30 4.60
C PRO B 277 -11.35 3.84 3.83
N ALA B 278 -11.17 5.06 3.33
CA ALA B 278 -12.19 5.75 2.55
C ALA B 278 -12.33 5.12 1.16
N ASN B 279 -13.57 5.10 0.68
CA ASN B 279 -13.86 4.56 -0.63
C ASN B 279 -13.89 3.04 -0.61
N THR B 280 -14.09 2.47 0.57
CA THR B 280 -14.15 1.03 0.70
C THR B 280 -15.50 0.53 0.21
N LEU B 281 -15.45 -0.47 -0.64
CA LEU B 281 -16.65 -1.06 -1.19
C LEU B 281 -16.81 -2.46 -0.64
N LEU B 282 -17.94 -2.72 0.00
CA LEU B 282 -18.22 -4.03 0.57
C LEU B 282 -19.14 -4.83 -0.34
N VAL B 283 -18.80 -6.11 -0.52
CA VAL B 283 -19.61 -7.02 -1.32
C VAL B 283 -19.61 -8.40 -0.65
N ASN B 284 -20.77 -9.03 -0.59
CA ASN B 284 -20.88 -10.34 0.04
C ASN B 284 -21.11 -11.37 -1.06
N THR B 285 -20.78 -12.63 -0.79
CA THR B 285 -20.97 -13.66 -1.80
C THR B 285 -22.20 -14.52 -1.55
N GLY B 286 -22.45 -14.86 -0.29
CA GLY B 286 -23.61 -15.67 0.03
C GLY B 286 -24.60 -14.88 0.85
N ASP B 287 -25.41 -15.60 1.64
CA ASP B 287 -26.38 -14.95 2.50
C ASP B 287 -25.64 -14.20 3.58
N LEU B 288 -26.25 -13.17 4.14
CA LEU B 288 -25.58 -12.42 5.18
C LEU B 288 -26.43 -12.34 6.45
N GLU B 289 -27.68 -11.94 6.29
CA GLU B 289 -28.58 -11.81 7.42
C GLU B 289 -28.72 -13.09 8.23
N THR B 290 -29.09 -14.18 7.58
CA THR B 290 -29.26 -15.47 8.27
C THR B 290 -27.97 -15.89 8.98
N SER B 291 -26.84 -15.76 8.28
CA SER B 291 -25.55 -16.13 8.84
C SER B 291 -25.30 -15.36 10.14
N ALA B 292 -25.53 -14.05 10.09
CA ALA B 292 -25.33 -13.20 11.25
C ALA B 292 -26.24 -13.56 12.42
N GLU B 293 -27.53 -13.75 12.12
CA GLU B 293 -28.49 -14.10 13.18
C GLU B 293 -28.13 -15.42 13.85
N ARG B 294 -27.70 -16.40 13.06
CA ARG B 294 -27.35 -17.69 13.63
C ARG B 294 -26.10 -17.63 14.48
N PHE B 295 -25.14 -16.82 14.08
CA PHE B 295 -23.90 -16.69 14.84
C PHE B 295 -24.22 -16.02 16.16
N GLN B 296 -25.13 -15.04 16.13
CA GLN B 296 -25.48 -14.35 17.36
C GLN B 296 -26.15 -15.29 18.36
N ALA B 297 -27.08 -16.11 17.89
CA ALA B 297 -27.75 -17.03 18.80
C ALA B 297 -26.82 -18.18 19.24
N ASP B 298 -25.97 -18.66 18.33
CA ASP B 298 -25.01 -19.71 18.66
C ASP B 298 -23.99 -19.22 19.70
N THR B 299 -23.48 -18.00 19.52
CA THR B 299 -22.51 -17.43 20.45
C THR B 299 -23.16 -17.32 21.83
N LEU B 300 -24.43 -16.91 21.84
CA LEU B 300 -25.16 -16.79 23.10
C LEU B 300 -25.30 -18.19 23.71
N ALA B 301 -25.58 -19.19 22.88
CA ALA B 301 -25.71 -20.56 23.38
C ALA B 301 -24.37 -21.02 24.01
N ARG B 302 -23.25 -20.69 23.36
CA ARG B 302 -21.95 -21.08 23.91
C ARG B 302 -21.67 -20.31 25.20
N PHE B 303 -22.11 -19.05 25.22
CA PHE B 303 -21.93 -18.19 26.39
C PHE B 303 -22.62 -18.84 27.60
N GLU B 304 -23.81 -19.40 27.37
CA GLU B 304 -24.56 -20.04 28.43
C GLU B 304 -24.00 -21.41 28.78
N ASN B 305 -23.57 -22.16 27.77
CA ASN B 305 -23.01 -23.49 27.99
C ASN B 305 -21.70 -23.54 28.80
N ARG B 306 -20.74 -22.66 28.53
CA ARG B 306 -19.51 -22.72 29.30
C ARG B 306 -19.31 -21.63 30.35
N GLY B 307 -20.35 -20.82 30.56
CA GLY B 307 -20.25 -19.77 31.55
C GLY B 307 -20.60 -20.27 32.95
N VAL B 308 -20.39 -21.56 33.19
CA VAL B 308 -20.68 -22.16 34.49
C VAL B 308 -19.39 -22.54 35.23
N ASP B 309 -18.25 -22.18 34.65
CA ASP B 309 -16.94 -22.47 35.26
C ASP B 309 -16.51 -21.29 36.14
N PRO B 310 -16.50 -21.49 37.48
CA PRO B 310 -16.11 -20.45 38.44
C PRO B 310 -14.70 -19.92 38.24
N MET B 311 -13.86 -20.74 37.62
CA MET B 311 -12.47 -20.35 37.34
C MET B 311 -12.42 -19.49 36.07
N ARG B 312 -13.48 -19.53 35.28
CA ARG B 312 -13.48 -18.79 34.02
C ARG B 312 -14.82 -18.14 33.70
N PRO B 313 -15.23 -17.15 34.52
CA PRO B 313 -16.49 -16.46 34.28
C PRO B 313 -16.31 -15.67 32.97
N LEU B 314 -17.38 -15.60 32.17
CA LEU B 314 -17.35 -14.97 30.86
C LEU B 314 -17.90 -13.57 30.70
N LEU B 315 -17.34 -12.87 29.71
CA LEU B 315 -17.80 -11.53 29.39
C LEU B 315 -19.00 -11.73 28.48
N PRO B 316 -19.98 -10.82 28.54
CA PRO B 316 -21.15 -10.98 27.68
C PRO B 316 -20.70 -10.81 26.24
N PRO B 317 -21.43 -11.42 25.30
CA PRO B 317 -21.12 -11.34 23.87
C PRO B 317 -20.84 -9.93 23.34
N GLN B 318 -21.60 -8.95 23.83
CA GLN B 318 -21.44 -7.56 23.37
C GLN B 318 -20.03 -7.02 23.51
N SER B 319 -19.27 -7.54 24.48
CA SER B 319 -17.89 -7.08 24.70
C SER B 319 -16.99 -7.42 23.50
N LEU B 320 -17.32 -8.52 22.82
CA LEU B 320 -16.50 -8.97 21.71
C LEU B 320 -17.12 -9.00 20.32
N TRP B 321 -18.44 -8.93 20.23
CA TRP B 321 -19.11 -9.01 18.93
C TRP B 321 -20.19 -7.94 18.70
N LEU B 322 -20.32 -7.51 17.45
CA LEU B 322 -21.33 -6.53 17.06
C LEU B 322 -22.63 -7.29 17.07
N ARG B 323 -23.72 -6.64 17.46
CA ARG B 323 -25.02 -7.30 17.44
C ARG B 323 -25.42 -7.31 15.97
N VAL B 324 -26.38 -8.14 15.60
CA VAL B 324 -26.80 -8.18 14.20
C VAL B 324 -27.18 -6.77 13.71
N ASP B 325 -27.92 -6.03 14.54
CA ASP B 325 -28.34 -4.69 14.15
C ASP B 325 -27.15 -3.75 14.00
N GLU B 326 -26.13 -3.92 14.81
CA GLU B 326 -24.96 -3.05 14.71
C GLU B 326 -24.19 -3.37 13.42
N LEU B 327 -24.18 -4.64 13.05
CA LEU B 327 -23.49 -5.07 11.84
C LEU B 327 -24.11 -4.39 10.62
N PHE B 328 -25.43 -4.43 10.52
CA PHE B 328 -26.07 -3.83 9.37
C PHE B 328 -25.97 -2.33 9.40
N SER B 329 -26.04 -1.75 10.58
CA SER B 329 -25.89 -0.31 10.70
C SER B 329 -24.49 0.06 10.18
N GLU B 330 -23.47 -0.72 10.56
CA GLU B 330 -22.10 -0.46 10.11
C GLU B 330 -21.98 -0.63 8.61
N LEU B 331 -22.70 -1.60 8.06
CA LEU B 331 -22.63 -1.83 6.62
C LEU B 331 -23.32 -0.73 5.83
N LYS B 332 -24.46 -0.27 6.31
CA LYS B 332 -25.17 0.78 5.60
C LYS B 332 -24.44 2.11 5.69
N ASN B 333 -23.85 2.41 6.84
CA ASN B 333 -23.13 3.67 6.98
C ASN B 333 -21.88 3.68 6.12
N ALA B 334 -21.59 2.55 5.48
CA ALA B 334 -20.42 2.42 4.62
C ALA B 334 -20.80 1.65 3.35
#